data_9FPM
#
_entry.id   9FPM
#
_cell.length_a   38.050
_cell.length_b   38.440
_cell.length_c   39.470
_cell.angle_alpha   114.530
_cell.angle_beta   88.610
_cell.angle_gamma   119.660
#
_symmetry.space_group_name_H-M   'P 1'
#
loop_
_entity.id
_entity.type
_entity.pdbx_description
1 polymer Tue1
2 water water
#
_entity_poly.entity_id   1
_entity_poly.type   'polypeptide(L)'
_entity_poly.pdbx_seq_one_letter_code
;(MSE)GTNPPSPQDVEEILDQGVEEVDRIVSGLGELHGAGDHPGQQQDVAESVARERPESSQGGGVAKRPRISHDTPGSS
GARSPDYSVETDIPYHTELLSD(MSE)ERVIEDNE(MSE)AHIFSASSSTGEVLYSPSVFHATEKQKNAALSLLEERYKR
DFPHDLAENIVIRDIEFVDGNIPS(MSE)LDIFTRRSVLKLLGYSAWDEGLGKQIFFDVGEYRVN(MSE)FPLRIEEGFH
LRQ(MSE)VAYHLQEANPRYLWLGTVRIQSVLIENIGYATNPARHSTQSADRAGPGPHHHHHH
;
_entity_poly.pdbx_strand_id   A
#
# COMPACT_ATOMS: atom_id res chain seq x y z
N THR A 87 6.40 -24.66 18.38
CA THR A 87 6.48 -23.23 18.12
C THR A 87 5.10 -22.59 18.04
N ASP A 88 4.99 -21.35 18.51
CA ASP A 88 3.73 -20.60 18.44
C ASP A 88 3.65 -19.87 17.12
N ILE A 89 2.43 -19.67 16.63
CA ILE A 89 2.22 -18.93 15.39
C ILE A 89 2.38 -17.44 15.70
N PRO A 90 3.25 -16.72 14.99
CA PRO A 90 3.37 -15.27 15.21
C PRO A 90 2.18 -14.51 14.64
N TYR A 91 1.92 -13.34 15.23
CA TYR A 91 0.80 -12.53 14.77
C TYR A 91 0.96 -12.14 13.31
N HIS A 92 2.18 -11.86 12.89
CA HIS A 92 2.39 -11.43 11.51
C HIS A 92 1.85 -12.46 10.52
N THR A 93 2.07 -13.75 10.80
CA THR A 93 1.57 -14.78 9.92
C THR A 93 0.05 -14.71 9.79
N GLU A 94 -0.65 -14.56 10.92
CA GLU A 94 -2.10 -14.48 10.89
C GLU A 94 -2.58 -13.17 10.27
N LEU A 95 -1.84 -12.08 10.49
CA LEU A 95 -2.21 -10.82 9.85
C LEU A 95 -2.17 -10.97 8.33
N LEU A 96 -1.09 -11.56 7.79
CA LEU A 96 -0.99 -11.72 6.33
C LEU A 96 -2.13 -12.59 5.81
N SER A 97 -2.46 -13.68 6.52
CA SER A 97 -3.59 -14.49 6.14
C SER A 97 -4.90 -13.71 6.24
N ASP A 98 -5.05 -12.93 7.32
CA ASP A 98 -6.25 -12.12 7.49
C ASP A 98 -6.43 -11.16 6.32
N MSE A 99 -5.35 -10.50 5.92
CA MSE A 99 -5.46 -9.48 4.89
C MSE A 99 -5.79 -10.16 3.56
O MSE A 99 -6.52 -9.60 2.74
CB MSE A 99 -4.20 -8.67 4.84
CG MSE A 99 -4.05 -7.88 6.14
SE MSE A 99 -5.39 -6.50 6.42
CE MSE A 99 -6.52 -7.18 7.73
H MSE A 99 -4.56 -10.62 6.24
HA MSE A 99 -6.18 -8.87 5.10
HB2 MSE A 99 -3.42 -9.25 4.73
HB3 MSE A 99 -4.24 -8.04 4.09
HG2 MSE A 99 -4.11 -8.50 6.88
HG3 MSE A 99 -3.18 -7.45 6.13
HE1 MSE A 99 -6.00 -7.34 8.55
HE2 MSE A 99 -7.22 -6.54 7.91
HE3 MSE A 99 -6.90 -8.01 7.42
N GLU A 100 -5.26 -11.36 3.33
CA GLU A 100 -5.59 -12.10 2.12
C GLU A 100 -7.08 -12.43 2.07
N ARG A 101 -7.68 -12.76 3.21
CA ARG A 101 -9.10 -13.08 3.25
C ARG A 101 -9.94 -11.81 3.07
N VAL A 102 -9.47 -10.68 3.57
CA VAL A 102 -10.15 -9.41 3.31
C VAL A 102 -10.15 -9.11 1.82
N ILE A 103 -9.01 -9.30 1.18
CA ILE A 103 -8.91 -9.09 -0.27
C ILE A 103 -9.91 -9.97 -1.00
N GLU A 104 -10.01 -11.24 -0.60
CA GLU A 104 -10.88 -12.16 -1.32
C GLU A 104 -12.35 -11.82 -1.07
N ASP A 105 -12.72 -11.51 0.17
CA ASP A 105 -14.11 -11.18 0.48
C ASP A 105 -14.58 -9.95 -0.27
N ASN A 106 -13.68 -9.02 -0.57
CA ASN A 106 -14.00 -7.79 -1.29
C ASN A 106 -13.66 -7.86 -2.76
N GLU A 107 -13.31 -9.04 -3.26
CA GLU A 107 -13.04 -9.24 -4.68
C GLU A 107 -12.00 -8.24 -5.21
N MSE A 108 -10.99 -7.96 -4.41
CA MSE A 108 -9.96 -7.01 -4.83
C MSE A 108 -8.89 -7.57 -5.76
O MSE A 108 -8.17 -6.80 -6.41
CB MSE A 108 -9.25 -6.42 -3.61
CG MSE A 108 -10.11 -5.51 -2.81
SE MSE A 108 -9.23 -4.98 -1.17
CE MSE A 108 -10.64 -3.83 -0.47
H MSE A 108 -10.86 -8.29 -3.62
HA MSE A 108 -10.44 -6.33 -5.32
HB2 MSE A 108 -8.97 -7.15 -3.03
HB3 MSE A 108 -8.48 -5.92 -3.90
HG2 MSE A 108 -10.30 -4.71 -3.32
HG3 MSE A 108 -10.94 -5.96 -2.57
HE1 MSE A 108 -11.43 -4.37 -0.31
HE2 MSE A 108 -10.34 -3.43 0.36
HE3 MSE A 108 -10.84 -3.15 -1.13
N ALA A 109 -8.77 -8.89 -5.85
CA ALA A 109 -7.82 -9.46 -6.78
C ALA A 109 -8.19 -9.11 -8.22
N HIS A 110 -9.48 -9.15 -8.53
CA HIS A 110 -9.91 -8.75 -9.87
C HIS A 110 -9.69 -7.26 -10.12
N ILE A 111 -9.86 -6.44 -9.08
CA ILE A 111 -9.61 -5.01 -9.23
C ILE A 111 -8.14 -4.75 -9.51
N PHE A 112 -7.26 -5.44 -8.80
CA PHE A 112 -5.81 -5.32 -9.01
C PHE A 112 -5.28 -6.41 -9.91
N SER A 113 -5.91 -6.53 -11.07
CA SER A 113 -5.43 -7.34 -12.17
C SER A 113 -4.96 -6.41 -13.28
N ALA A 114 -3.98 -6.90 -14.05
CA ALA A 114 -3.58 -6.18 -15.24
C ALA A 114 -4.78 -5.91 -16.14
N SER A 115 -5.70 -6.87 -16.22
N SER A 115 -5.69 -6.87 -16.22
CA SER A 115 -6.85 -6.72 -17.11
CA SER A 115 -6.86 -6.74 -17.08
C SER A 115 -7.71 -5.53 -16.70
C SER A 115 -7.71 -5.54 -16.71
N SER A 116 -7.86 -5.28 -15.41
CA SER A 116 -8.71 -4.19 -14.93
C SER A 116 -7.97 -2.87 -14.78
N SER A 117 -6.68 -2.82 -15.12
CA SER A 117 -5.87 -1.61 -14.97
C SER A 117 -6.01 -0.75 -16.23
N THR A 118 -7.15 -0.08 -16.32
CA THR A 118 -7.52 0.68 -17.51
C THR A 118 -7.27 2.18 -17.38
N GLY A 119 -6.48 2.59 -16.39
CA GLY A 119 -6.24 4.00 -16.19
C GLY A 119 -5.43 4.61 -17.31
N GLU A 120 -5.49 5.94 -17.39
CA GLU A 120 -4.75 6.68 -18.40
C GLU A 120 -3.25 6.60 -18.15
N VAL A 121 -2.47 6.72 -19.22
CA VAL A 121 -1.04 6.61 -19.09
C VAL A 121 -0.49 7.82 -18.35
N LEU A 122 0.50 7.58 -17.48
CA LEU A 122 1.26 8.64 -16.83
C LEU A 122 2.61 8.83 -17.51
N TYR A 123 3.42 7.77 -17.56
CA TYR A 123 4.67 7.77 -18.29
C TYR A 123 4.65 6.65 -19.32
N SER A 124 4.57 7.02 -20.59
CA SER A 124 4.61 6.00 -21.64
C SER A 124 5.95 5.27 -21.60
N PRO A 125 5.97 3.95 -21.82
CA PRO A 125 4.86 3.07 -22.19
C PRO A 125 4.29 2.25 -21.06
N SER A 126 4.78 2.43 -19.83
CA SER A 126 4.57 1.40 -18.83
C SER A 126 4.00 1.86 -17.50
N VAL A 127 3.89 3.16 -17.24
CA VAL A 127 3.35 3.65 -15.97
C VAL A 127 1.96 4.23 -16.24
N PHE A 128 0.97 3.71 -15.53
CA PHE A 128 -0.41 4.12 -15.74
C PHE A 128 -1.00 4.60 -14.42
N HIS A 129 -1.95 5.52 -14.52
CA HIS A 129 -2.73 5.90 -13.35
C HIS A 129 -3.57 4.71 -12.89
N ALA A 130 -3.70 4.56 -11.58
CA ALA A 130 -4.67 3.61 -11.05
C ALA A 130 -6.10 4.06 -11.33
N THR A 131 -6.99 3.08 -11.47
CA THR A 131 -8.41 3.40 -11.60
C THR A 131 -8.96 3.88 -10.26
N GLU A 132 -10.14 4.50 -10.30
CA GLU A 132 -10.81 4.90 -9.08
C GLU A 132 -11.06 3.70 -8.18
N LYS A 133 -11.43 2.57 -8.77
CA LYS A 133 -11.69 1.36 -7.98
C LYS A 133 -10.42 0.84 -7.34
N GLN A 134 -9.30 0.89 -8.06
CA GLN A 134 -8.03 0.48 -7.46
C GLN A 134 -7.67 1.39 -6.29
N LYS A 135 -7.86 2.70 -6.45
CA LYS A 135 -7.52 3.61 -5.36
C LYS A 135 -8.40 3.38 -4.14
N ASN A 136 -9.71 3.23 -4.36
CA ASN A 136 -10.62 3.07 -3.23
C ASN A 136 -10.40 1.74 -2.52
N ALA A 137 -10.08 0.69 -3.29
CA ALA A 137 -9.75 -0.59 -2.69
C ALA A 137 -8.49 -0.48 -1.82
N ALA A 138 -7.47 0.21 -2.32
CA ALA A 138 -6.23 0.36 -1.55
C ALA A 138 -6.50 1.13 -0.27
N LEU A 139 -7.31 2.20 -0.33
CA LEU A 139 -7.61 2.93 0.89
C LEU A 139 -8.36 2.05 1.88
N SER A 140 -9.34 1.29 1.39
N SER A 140 -9.34 1.28 1.40
CA SER A 140 -10.12 0.41 2.26
CA SER A 140 -10.12 0.43 2.29
C SER A 140 -9.23 -0.62 2.94
C SER A 140 -9.27 -0.66 2.93
N LEU A 141 -8.24 -1.13 2.22
CA LEU A 141 -7.37 -2.16 2.78
C LEU A 141 -6.44 -1.54 3.81
N LEU A 142 -6.00 -0.29 3.60
CA LEU A 142 -5.23 0.39 4.63
C LEU A 142 -6.06 0.65 5.88
N GLU A 143 -7.30 1.10 5.72
CA GLU A 143 -8.14 1.31 6.90
C GLU A 143 -8.32 0.00 7.67
N GLU A 144 -8.55 -1.10 6.95
CA GLU A 144 -8.73 -2.40 7.60
C GLU A 144 -7.49 -2.78 8.41
N ARG A 145 -6.30 -2.59 7.84
CA ARG A 145 -5.10 -3.01 8.55
C ARG A 145 -4.83 -2.11 9.76
N TYR A 146 -4.92 -0.80 9.58
CA TYR A 146 -4.47 0.09 10.66
C TYR A 146 -5.50 0.21 11.77
N LYS A 147 -6.80 0.21 11.44
CA LYS A 147 -7.78 0.44 12.49
C LYS A 147 -7.96 -0.76 13.42
N ARG A 148 -7.75 -1.98 12.90
CA ARG A 148 -8.05 -3.16 13.71
C ARG A 148 -7.15 -3.23 14.95
N ASP A 149 -5.97 -2.62 14.89
CA ASP A 149 -5.02 -2.67 16.01
C ASP A 149 -4.80 -1.32 16.67
N PHE A 150 -5.64 -0.35 16.37
CA PHE A 150 -5.53 0.95 17.03
C PHE A 150 -6.19 0.86 18.40
N PRO A 151 -5.48 1.12 19.49
CA PRO A 151 -6.04 0.82 20.80
C PRO A 151 -7.22 1.71 21.15
N HIS A 152 -8.11 1.14 21.98
CA HIS A 152 -9.39 1.79 22.28
C HIS A 152 -9.21 3.08 23.05
N ASP A 153 -8.30 3.11 24.02
CA ASP A 153 -8.18 4.30 24.85
C ASP A 153 -7.67 5.49 24.06
N LEU A 154 -6.86 5.26 23.02
CA LEU A 154 -6.50 6.36 22.15
C LEU A 154 -7.67 6.76 21.26
N ALA A 155 -8.42 5.79 20.74
CA ALA A 155 -9.47 6.11 19.78
C ALA A 155 -10.62 6.88 20.43
N GLU A 156 -10.83 6.70 21.73
CA GLU A 156 -11.82 7.51 22.45
C GLU A 156 -11.34 8.92 22.72
N ASN A 157 -10.05 9.20 22.56
CA ASN A 157 -9.49 10.51 22.88
C ASN A 157 -8.96 11.27 21.68
N ILE A 158 -8.81 10.61 20.54
CA ILE A 158 -8.26 11.22 19.34
C ILE A 158 -9.26 11.00 18.23
N VAL A 159 -9.57 12.05 17.48
CA VAL A 159 -10.39 11.91 16.28
C VAL A 159 -9.47 11.43 15.16
N ILE A 160 -9.79 10.27 14.58
CA ILE A 160 -8.95 9.69 13.55
C ILE A 160 -9.51 10.04 12.18
N ARG A 161 -8.65 10.53 11.31
CA ARG A 161 -9.06 11.00 10.00
C ARG A 161 -9.07 9.83 9.02
N ASP A 162 -9.98 9.90 8.05
CA ASP A 162 -10.03 8.89 7.01
C ASP A 162 -8.73 8.93 6.21
N ILE A 163 -8.17 7.74 5.96
CA ILE A 163 -7.01 7.65 5.09
C ILE A 163 -7.43 8.10 3.69
N GLU A 164 -6.60 8.91 3.05
CA GLU A 164 -7.00 9.47 1.77
C GLU A 164 -5.77 9.75 0.93
N PHE A 165 -6.01 9.91 -0.37
CA PHE A 165 -5.00 10.42 -1.27
C PHE A 165 -5.08 11.94 -1.35
N VAL A 166 -3.91 12.57 -1.50
CA VAL A 166 -3.80 14.01 -1.62
C VAL A 166 -3.09 14.29 -2.94
N ASP A 167 -3.18 15.53 -3.40
CA ASP A 167 -2.63 15.89 -4.70
C ASP A 167 -1.11 15.92 -4.69
N GLY A 168 -0.53 15.58 -5.83
CA GLY A 168 0.85 15.93 -6.13
C GLY A 168 1.88 14.93 -5.66
N ASN A 169 3.13 15.40 -5.66
CA ASN A 169 4.26 14.58 -5.24
C ASN A 169 4.33 13.30 -6.06
N ILE A 170 4.14 13.43 -7.37
CA ILE A 170 4.19 12.27 -8.26
C ILE A 170 5.65 11.87 -8.48
N PRO A 171 6.02 10.63 -8.21
CA PRO A 171 7.40 10.20 -8.41
C PRO A 171 7.77 10.22 -9.89
N SER A 172 9.07 10.34 -10.16
CA SER A 172 9.57 10.32 -11.53
C SER A 172 9.58 8.89 -12.06
N MSE A 173 9.81 8.74 -13.36
CA MSE A 173 9.96 7.40 -13.93
C MSE A 173 11.20 6.73 -13.32
O MSE A 173 11.17 5.54 -12.99
CB MSE A 173 10.07 7.44 -15.45
CG MSE A 173 10.47 6.13 -16.10
SE MSE A 173 9.12 4.76 -15.82
CE MSE A 173 8.20 4.66 -17.49
H MSE A 173 9.89 9.39 -13.92
HA MSE A 173 9.17 6.87 -13.74
HB2 MSE A 173 9.22 7.71 -15.81
HB3 MSE A 173 10.75 8.11 -15.69
HG2 MSE A 173 10.57 6.27 -17.06
HG3 MSE A 173 11.30 5.82 -15.71
HE1 MSE A 173 8.82 4.37 -18.18
HE2 MSE A 173 7.47 4.02 -17.42
HE3 MSE A 173 7.85 5.54 -17.71
N LEU A 174 12.28 7.48 -13.18
CA LEU A 174 13.48 6.94 -12.54
C LEU A 174 13.19 6.52 -11.10
N ASP A 175 12.38 7.29 -10.37
CA ASP A 175 11.97 6.90 -9.02
C ASP A 175 11.28 5.54 -9.05
N ILE A 176 10.27 5.42 -9.91
CA ILE A 176 9.50 4.19 -10.02
C ILE A 176 10.39 3.01 -10.36
N PHE A 177 11.28 3.21 -11.34
CA PHE A 177 12.19 2.14 -11.74
C PHE A 177 13.08 1.73 -10.58
N THR A 178 13.62 2.70 -9.86
CA THR A 178 14.58 2.40 -8.80
C THR A 178 13.91 1.64 -7.66
N ARG A 179 12.67 1.98 -7.36
CA ARG A 179 11.95 1.41 -6.23
C ARG A 179 11.40 0.03 -6.55
N ARG A 180 11.57 -0.46 -7.76
CA ARG A 180 11.09 -1.80 -8.08
C ARG A 180 11.90 -2.88 -7.37
N SER A 181 12.92 -2.50 -6.58
CA SER A 181 13.64 -3.46 -5.75
C SER A 181 12.70 -4.23 -4.83
N VAL A 182 11.53 -3.68 -4.56
N VAL A 182 11.53 -3.68 -4.52
CA VAL A 182 10.53 -4.30 -3.69
CA VAL A 182 10.62 -4.38 -3.63
C VAL A 182 10.08 -5.64 -4.23
C VAL A 182 10.25 -5.75 -4.20
N LEU A 183 10.25 -5.88 -5.53
CA LEU A 183 9.89 -7.18 -6.12
C LEU A 183 10.83 -8.30 -5.72
N LYS A 184 12.02 -7.97 -5.15
CA LYS A 184 12.98 -8.97 -4.74
C LYS A 184 12.66 -9.57 -3.39
N LEU A 185 11.73 -8.95 -2.67
CA LEU A 185 11.49 -9.29 -1.28
C LEU A 185 10.55 -10.48 -1.18
N LEU A 186 10.66 -11.20 -0.07
CA LEU A 186 9.78 -12.34 0.17
C LEU A 186 8.42 -11.86 0.64
N GLY A 187 7.40 -12.65 0.31
CA GLY A 187 6.04 -12.25 0.61
C GLY A 187 5.78 -12.03 2.09
N TYR A 188 6.55 -12.68 2.95
CA TYR A 188 6.34 -12.57 4.40
C TYR A 188 6.74 -11.21 4.92
N SER A 189 7.49 -10.44 4.14
CA SER A 189 7.89 -9.10 4.54
C SER A 189 6.80 -8.06 4.29
N ALA A 190 5.64 -8.48 3.81
CA ALA A 190 4.56 -7.54 3.57
C ALA A 190 4.00 -7.01 4.88
N TRP A 191 3.42 -5.81 4.81
CA TRP A 191 2.79 -5.17 5.95
C TRP A 191 3.74 -5.04 7.14
N ASP A 192 5.03 -4.95 6.85
CA ASP A 192 6.07 -4.83 7.87
C ASP A 192 6.60 -3.41 7.79
N GLU A 193 6.23 -2.59 8.78
CA GLU A 193 6.69 -1.21 8.84
C GLU A 193 8.20 -1.12 9.00
N GLY A 194 8.87 -2.22 9.33
CA GLY A 194 10.30 -2.21 9.50
C GLY A 194 11.10 -2.15 8.22
N LEU A 195 10.44 -2.28 7.08
CA LEU A 195 11.18 -2.31 5.82
C LEU A 195 11.51 -0.92 5.30
N GLY A 196 11.16 0.13 6.03
CA GLY A 196 11.57 1.47 5.64
C GLY A 196 11.06 1.85 4.27
N LYS A 197 11.99 2.18 3.36
N LYS A 197 11.98 2.16 3.36
CA LYS A 197 11.58 2.59 2.03
CA LYS A 197 11.61 2.61 2.03
C LYS A 197 10.75 1.54 1.32
C LYS A 197 10.92 1.52 1.20
N GLN A 198 10.98 0.26 1.62
CA GLN A 198 10.44 -0.85 0.86
C GLN A 198 9.17 -1.42 1.46
N ILE A 199 8.48 -0.69 2.34
CA ILE A 199 7.26 -1.23 2.92
C ILE A 199 6.27 -1.49 1.80
N PHE A 200 5.61 -2.64 1.85
CA PHE A 200 4.71 -3.02 0.77
C PHE A 200 3.61 -3.95 1.25
N PHE A 201 2.62 -4.15 0.38
CA PHE A 201 1.66 -5.22 0.55
C PHE A 201 1.32 -5.71 -0.85
N ASP A 202 0.88 -6.96 -0.94
CA ASP A 202 0.48 -7.57 -2.20
C ASP A 202 -1.04 -7.65 -2.28
N VAL A 203 -1.57 -7.42 -3.48
CA VAL A 203 -3.01 -7.47 -3.72
C VAL A 203 -3.19 -7.86 -5.18
N GLY A 204 -3.90 -8.96 -5.42
CA GLY A 204 -4.07 -9.40 -6.80
C GLY A 204 -2.73 -9.65 -7.46
N GLU A 205 -2.52 -9.07 -8.63
CA GLU A 205 -1.30 -9.26 -9.39
C GLU A 205 -0.22 -8.21 -9.11
N TYR A 206 -0.40 -7.36 -8.09
CA TYR A 206 0.44 -6.20 -7.89
C TYR A 206 1.04 -6.17 -6.48
N ARG A 207 2.30 -5.71 -6.41
CA ARG A 207 2.96 -5.40 -5.15
C ARG A 207 2.97 -3.90 -4.98
N VAL A 208 2.38 -3.42 -3.89
CA VAL A 208 2.18 -1.98 -3.70
C VAL A 208 3.21 -1.47 -2.68
N ASN A 209 4.13 -0.63 -3.15
CA ASN A 209 5.14 0.01 -2.31
C ASN A 209 4.61 1.35 -1.80
N MSE A 210 4.59 1.51 -0.48
CA MSE A 210 4.25 2.78 0.17
C MSE A 210 5.54 3.51 0.55
O MSE A 210 6.00 3.44 1.69
CB MSE A 210 3.46 2.54 1.45
CG MSE A 210 2.46 1.43 1.36
SE MSE A 210 1.13 1.66 2.75
CE MSE A 210 1.54 0.04 3.75
H MSE A 210 4.77 0.89 0.08
HA MSE A 210 3.71 3.30 -0.43
HB2 MSE A 210 4.08 2.32 2.17
HB3 MSE A 210 2.97 3.36 1.66
HG2 MSE A 210 2.02 1.45 0.49
HG3 MSE A 210 2.91 0.58 1.48
HE1 MSE A 210 2.46 0.08 4.05
HE2 MSE A 210 0.95 -0.02 4.51
HE3 MSE A 210 1.42 -0.72 3.16
N PHE A 211 6.10 4.21 -0.41
CA PHE A 211 7.41 4.80 -0.21
C PHE A 211 7.31 6.06 0.65
N PRO A 212 8.15 6.19 1.67
CA PRO A 212 8.04 7.37 2.55
C PRO A 212 8.42 8.65 1.83
N LEU A 213 7.52 9.64 1.91
CA LEU A 213 7.75 10.98 1.37
C LEU A 213 8.14 11.95 2.48
N ARG A 214 7.24 12.20 3.43
CA ARG A 214 7.58 13.06 4.56
C ARG A 214 6.55 12.84 5.66
N ILE A 215 6.86 13.40 6.82
CA ILE A 215 5.97 13.45 7.96
C ILE A 215 5.64 14.92 8.18
N GLU A 216 4.36 15.28 8.14
CA GLU A 216 3.98 16.67 8.32
C GLU A 216 2.71 16.76 9.14
N GLU A 217 2.68 17.74 10.03
CA GLU A 217 1.65 17.84 11.07
C GLU A 217 1.61 16.46 11.73
N GLY A 218 0.45 15.83 11.87
CA GLY A 218 0.41 14.54 12.50
C GLY A 218 0.17 13.42 11.52
N PHE A 219 0.72 13.53 10.31
CA PHE A 219 0.45 12.56 9.26
C PHE A 219 1.74 12.09 8.61
N HIS A 220 1.72 10.84 8.17
CA HIS A 220 2.73 10.29 7.28
C HIS A 220 2.23 10.42 5.85
N LEU A 221 3.07 10.92 4.96
CA LEU A 221 2.77 10.92 3.54
C LEU A 221 3.62 9.86 2.85
N ARG A 222 3.00 9.06 1.99
CA ARG A 222 3.70 7.99 1.29
C ARG A 222 3.25 7.96 -0.17
N GLN A 223 4.21 7.77 -1.08
CA GLN A 223 3.94 7.66 -2.51
C GLN A 223 3.67 6.20 -2.85
N MSE A 224 2.43 5.89 -3.25
CA MSE A 224 2.04 4.50 -3.45
C MSE A 224 2.11 4.15 -4.92
O MSE A 224 1.38 4.72 -5.72
CB MSE A 224 0.65 4.24 -2.93
CG MSE A 224 0.52 4.38 -1.44
SE MSE A 224 -1.28 3.96 -0.80
CE MSE A 224 -1.26 2.04 -1.06
H MSE A 224 1.81 6.46 -3.40
HA MSE A 224 2.66 3.93 -2.96
HB2 MSE A 224 0.03 4.87 -3.34
HB3 MSE A 224 0.39 3.33 -3.16
HG2 MSE A 224 1.14 3.78 -1.01
HG3 MSE A 224 0.72 5.30 -1.19
HE1 MSE A 224 -0.57 1.65 -0.50
HE2 MSE A 224 -2.12 1.68 -0.81
HE3 MSE A 224 -1.07 1.85 -1.99
N VAL A 225 3.01 3.23 -5.27
N VAL A 225 2.98 3.21 -5.30
CA VAL A 225 3.16 2.72 -6.63
CA VAL A 225 3.07 2.77 -6.68
C VAL A 225 2.96 1.22 -6.60
C VAL A 225 3.06 1.25 -6.71
N ALA A 226 2.18 0.70 -7.54
CA ALA A 226 1.96 -0.74 -7.65
C ALA A 226 2.84 -1.31 -8.75
N TYR A 227 3.49 -2.44 -8.46
CA TYR A 227 4.38 -3.13 -9.38
C TYR A 227 3.73 -4.45 -9.77
N HIS A 228 3.56 -4.68 -11.06
CA HIS A 228 3.01 -5.97 -11.46
C HIS A 228 4.01 -7.06 -11.12
N LEU A 229 3.54 -8.11 -10.43
CA LEU A 229 4.46 -9.09 -9.86
C LEU A 229 5.07 -10.00 -10.91
N GLN A 230 4.49 -10.06 -12.11
CA GLN A 230 5.12 -10.76 -13.22
C GLN A 230 5.65 -9.79 -14.27
N GLU A 231 5.70 -8.50 -13.94
CA GLU A 231 6.22 -7.47 -14.84
C GLU A 231 5.50 -7.47 -16.18
N ALA A 232 4.21 -7.79 -16.16
CA ALA A 232 3.36 -7.63 -17.32
C ALA A 232 2.89 -6.17 -17.40
N ASN A 233 2.13 -5.85 -18.42
CA ASN A 233 1.69 -4.46 -18.54
C ASN A 233 0.18 -4.36 -18.32
N PRO A 234 -0.31 -3.32 -17.63
CA PRO A 234 0.44 -2.21 -17.01
C PRO A 234 1.43 -2.67 -15.95
N ARG A 235 2.68 -2.32 -16.18
CA ARG A 235 3.77 -2.76 -15.33
C ARG A 235 3.78 -2.02 -14.00
N TYR A 236 3.47 -0.72 -14.04
CA TYR A 236 3.51 0.16 -12.90
C TYR A 236 2.21 0.96 -12.84
N LEU A 237 1.63 1.09 -11.65
CA LEU A 237 0.42 1.88 -11.42
C LEU A 237 0.72 2.99 -10.42
N TRP A 238 0.40 4.23 -10.77
CA TRP A 238 0.52 5.34 -9.82
C TRP A 238 -0.81 5.48 -9.09
N LEU A 239 -0.83 5.12 -7.82
N LEU A 239 -0.83 5.11 -7.82
CA LEU A 239 -2.04 5.20 -7.01
CA LEU A 239 -2.06 5.22 -7.03
C LEU A 239 -2.23 6.58 -6.41
C LEU A 239 -2.23 6.64 -6.49
N GLY A 240 -1.15 7.23 -6.00
CA GLY A 240 -1.21 8.54 -5.41
C GLY A 240 -0.40 8.60 -4.13
N THR A 241 -0.23 9.84 -3.66
CA THR A 241 0.36 10.10 -2.35
C THR A 241 -0.73 9.94 -1.30
N VAL A 242 -0.56 8.97 -0.44
CA VAL A 242 -1.54 8.70 0.61
C VAL A 242 -1.10 9.43 1.87
N ARG A 243 -2.08 9.86 2.65
CA ARG A 243 -1.86 10.57 3.90
C ARG A 243 -2.50 9.74 5.01
N ILE A 244 -1.67 9.29 5.97
CA ILE A 244 -2.09 8.41 7.04
C ILE A 244 -1.72 9.05 8.37
N GLN A 245 -2.68 9.13 9.29
CA GLN A 245 -2.41 9.72 10.60
C GLN A 245 -1.32 8.96 11.33
N SER A 246 -0.31 9.70 11.80
CA SER A 246 0.90 9.06 12.30
C SER A 246 0.62 8.07 13.44
N VAL A 247 -0.33 8.38 14.32
CA VAL A 247 -0.56 7.49 15.46
C VAL A 247 -0.99 6.10 14.98
N LEU A 248 -1.61 6.01 13.81
CA LEU A 248 -2.02 4.71 13.29
C LEU A 248 -0.82 3.84 12.94
N ILE A 249 0.21 4.44 12.34
CA ILE A 249 1.41 3.69 12.01
C ILE A 249 2.22 3.41 13.26
N GLU A 250 2.35 4.41 14.13
CA GLU A 250 3.15 4.26 15.33
C GLU A 250 2.68 3.07 16.15
N ASN A 251 1.38 2.81 16.16
CA ASN A 251 0.85 1.78 17.03
C ASN A 251 1.10 0.37 16.53
N ILE A 252 1.44 0.21 15.24
CA ILE A 252 1.68 -1.12 14.70
C ILE A 252 3.05 -1.63 15.11
N GLY A 253 4.04 -0.77 15.16
CA GLY A 253 5.37 -1.21 15.48
C GLY A 253 6.03 -1.84 14.28
N TYR A 254 7.12 -2.56 14.54
CA TYR A 254 7.95 -3.14 13.49
C TYR A 254 7.95 -4.66 13.59
N ALA A 255 7.40 -5.32 12.56
CA ALA A 255 7.40 -6.78 12.56
C ALA A 255 8.82 -7.34 12.46
N THR A 256 9.72 -6.61 11.79
CA THR A 256 11.14 -6.92 11.81
C THR A 256 11.94 -5.64 12.05
N ASN A 257 13.17 -5.82 12.53
CA ASN A 257 13.96 -4.72 13.03
C ASN A 257 14.40 -3.75 11.93
#